data_3GZF
#
_entry.id   3GZF
#
_cell.length_a   127.538
_cell.length_b   127.538
_cell.length_c   42.797
_cell.angle_alpha   90.000
_cell.angle_beta   90.000
_cell.angle_gamma   90.000
#
_symmetry.space_group_name_H-M   'P 43'
#
loop_
_entity.id
_entity.type
_entity.pdbx_description
1 polymer 'Replicase polyprotein 1ab'
2 non-polymer 'SULFATE ION'
3 water water
#
_entity_poly.entity_id   1
_entity_poly.type   'polypeptide(L)'
_entity_poly.pdbx_seq_one_letter_code
;GLFEGDKFVGSFESAAMGTFVIDMRSYETLVNSTSLDRIKSYANSFNKYKYYTGSMGEADYRMACYAHLGKALMDYSVSR
NDKLYTPPTVSVNSTL
;
_entity_poly.pdbx_strand_id   A,B,C,D,E
#
loop_
_chem_comp.id
_chem_comp.type
_chem_comp.name
_chem_comp.formula
SO4 non-polymer 'SULFATE ION' 'O4 S -2'
#
# COMPACT_ATOMS: atom_id res chain seq x y z
N GLY A 1 19.60 1.10 4.12
CA GLY A 1 19.58 0.96 5.60
C GLY A 1 20.85 0.31 6.11
N LEU A 2 21.62 -0.25 5.18
CA LEU A 2 22.87 -0.90 5.54
C LEU A 2 24.07 -0.01 5.25
N PHE A 3 23.89 1.30 5.38
CA PHE A 3 24.88 2.22 4.84
C PHE A 3 25.00 3.57 5.57
N GLU A 4 26.11 3.83 6.29
CA GLU A 4 26.45 5.24 6.58
C GLU A 4 26.92 5.80 5.26
N GLY A 5 26.19 6.77 4.75
CA GLY A 5 26.64 7.48 3.58
C GLY A 5 26.88 6.48 2.46
N ASP A 6 28.14 6.30 2.14
CA ASP A 6 28.50 5.57 0.95
C ASP A 6 29.11 4.19 1.26
N LYS A 7 29.42 3.94 2.53
CA LYS A 7 30.05 2.68 2.87
C LYS A 7 29.13 1.71 3.62
N PHE A 8 29.33 0.41 3.44
CA PHE A 8 28.48 -0.58 4.05
C PHE A 8 28.68 -0.62 5.56
N VAL A 9 27.61 -0.81 6.30
CA VAL A 9 27.69 -0.68 7.74
C VAL A 9 26.82 -1.69 8.51
N GLY A 10 26.04 -2.46 7.79
CA GLY A 10 25.13 -3.39 8.43
C GLY A 10 25.77 -4.46 9.30
N SER A 11 24.99 -4.98 10.23
CA SER A 11 25.37 -6.15 10.97
C SER A 11 25.14 -7.33 10.07
N PHE A 12 25.52 -8.52 10.53
CA PHE A 12 25.27 -9.72 9.75
C PHE A 12 23.77 -9.94 9.60
N GLU A 13 23.04 -9.65 10.66
CA GLU A 13 21.62 -9.94 10.70
C GLU A 13 20.82 -9.03 9.79
N SER A 14 20.98 -7.73 9.92
CA SER A 14 20.29 -6.83 9.02
C SER A 14 20.66 -7.22 7.60
N ALA A 15 21.95 -7.20 7.35
CA ALA A 15 22.50 -7.52 6.05
C ALA A 15 21.84 -8.76 5.45
N ALA A 16 21.74 -9.81 6.25
CA ALA A 16 21.26 -11.09 5.75
C ALA A 16 19.91 -10.94 5.06
N MET A 17 19.12 -9.96 5.52
CA MET A 17 17.78 -9.67 4.96
C MET A 17 17.76 -8.58 3.89
N GLY A 18 18.87 -7.91 3.68
CA GLY A 18 18.90 -6.74 2.82
C GLY A 18 19.53 -6.99 1.49
N THR A 19 19.74 -5.91 0.74
CA THR A 19 20.44 -6.00 -0.52
C THR A 19 21.73 -5.18 -0.47
N PHE A 20 22.87 -5.83 -0.73
CA PHE A 20 24.12 -5.12 -0.85
C PHE A 20 25.10 -5.97 -1.62
N VAL A 21 26.16 -5.35 -2.13
CA VAL A 21 27.20 -6.06 -2.85
C VAL A 21 28.28 -6.58 -1.91
N ILE A 22 28.58 -7.86 -2.01
CA ILE A 22 29.70 -8.40 -1.28
C ILE A 22 30.96 -8.10 -2.05
N ASP A 23 31.79 -7.24 -1.48
CA ASP A 23 33.07 -6.91 -2.07
C ASP A 23 34.04 -6.93 -0.92
N MET A 24 35.30 -6.60 -1.19
CA MET A 24 36.30 -6.70 -0.15
C MET A 24 36.00 -5.79 1.03
N ARG A 25 35.23 -4.74 0.83
CA ARG A 25 35.01 -3.79 1.92
C ARG A 25 33.89 -4.18 2.86
N SER A 26 32.79 -4.66 2.28
CA SER A 26 31.70 -5.17 3.07
C SER A 26 32.11 -6.49 3.72
N TYR A 27 32.80 -7.33 2.96
CA TYR A 27 33.31 -8.57 3.51
C TYR A 27 34.18 -8.31 4.73
N GLU A 28 35.12 -7.40 4.57
CA GLU A 28 36.00 -6.98 5.67
C GLU A 28 35.19 -6.58 6.87
N THR A 29 34.16 -5.78 6.63
CA THR A 29 33.31 -5.26 7.70
C THR A 29 32.63 -6.36 8.49
N LEU A 30 31.98 -7.27 7.76
CA LEU A 30 31.18 -8.33 8.36
C LEU A 30 32.07 -9.31 9.11
N VAL A 31 33.07 -9.83 8.41
CA VAL A 31 34.00 -10.74 9.03
C VAL A 31 34.53 -10.19 10.35
N ASN A 32 34.72 -8.90 10.41
CA ASN A 32 35.33 -8.34 11.59
C ASN A 32 34.33 -7.98 12.64
N SER A 33 33.08 -8.36 12.43
CA SER A 33 32.08 -8.02 13.41
C SER A 33 31.13 -9.18 13.66
N THR A 34 31.54 -10.39 13.34
CA THR A 34 30.59 -11.51 13.39
C THR A 34 31.14 -12.79 13.97
N SER A 35 32.43 -13.02 13.91
CA SER A 35 33.26 -13.06 12.77
C SER A 35 33.26 -14.47 12.26
N LEU A 36 34.31 -14.74 11.53
CA LEU A 36 34.48 -15.85 10.63
C LEU A 36 33.93 -17.18 11.15
N ASP A 37 33.88 -17.33 12.46
CA ASP A 37 33.42 -18.59 13.02
C ASP A 37 31.91 -18.70 12.95
N ARG A 38 31.20 -17.68 13.40
CA ARG A 38 29.75 -17.73 13.28
C ARG A 38 29.37 -17.88 11.82
N ILE A 39 30.01 -17.09 10.97
CA ILE A 39 29.72 -17.11 9.53
C ILE A 39 29.84 -18.51 8.98
N LYS A 40 30.97 -19.16 9.25
CA LYS A 40 31.18 -20.53 8.82
C LYS A 40 30.01 -21.41 9.27
N SER A 41 29.67 -21.34 10.54
CA SER A 41 28.55 -22.12 11.05
C SER A 41 27.29 -21.83 10.21
N TYR A 42 26.84 -20.57 10.20
CA TYR A 42 25.69 -20.22 9.38
C TYR A 42 25.80 -20.87 8.00
N ALA A 43 26.95 -20.69 7.37
CA ALA A 43 27.18 -21.25 6.06
C ALA A 43 26.82 -22.74 6.05
N ASN A 44 27.24 -23.47 7.08
CA ASN A 44 27.00 -24.93 7.15
C ASN A 44 25.54 -25.36 7.03
N SER A 45 24.62 -24.58 7.59
CA SER A 45 23.21 -24.94 7.50
C SER A 45 22.62 -24.66 6.11
N PHE A 46 23.45 -24.20 5.17
CA PHE A 46 22.97 -23.86 3.82
C PHE A 46 22.18 -24.95 3.05
N ASN A 47 22.72 -26.13 2.86
CA ASN A 47 22.01 -27.07 2.01
C ASN A 47 20.62 -27.33 2.54
N LYS A 48 20.56 -27.53 3.84
CA LYS A 48 19.28 -27.72 4.53
C LYS A 48 18.31 -26.71 3.96
N TYR A 49 18.72 -25.45 4.00
CA TYR A 49 17.84 -24.32 3.62
C TYR A 49 17.76 -24.02 2.12
N LYS A 50 18.36 -24.86 1.28
CA LYS A 50 18.14 -24.74 -0.17
C LYS A 50 16.92 -25.52 -0.65
N TYR A 51 16.87 -26.80 -0.33
CA TYR A 51 15.70 -27.61 -0.68
C TYR A 51 14.82 -27.80 0.55
N TYR A 52 14.20 -26.73 1.03
CA TYR A 52 13.39 -26.82 2.23
C TYR A 52 12.02 -27.40 1.95
N THR A 53 11.46 -28.07 2.96
CA THR A 53 10.12 -28.62 2.94
C THR A 53 9.00 -27.55 2.87
N GLY A 54 8.90 -26.86 1.74
CA GLY A 54 7.93 -25.77 1.58
C GLY A 54 8.11 -24.69 2.62
N SER A 55 7.01 -24.36 3.28
CA SER A 55 7.00 -23.45 4.43
C SER A 55 7.54 -24.24 5.55
N MET A 56 7.76 -23.46 6.56
CA MET A 56 8.92 -22.69 6.58
C MET A 56 8.26 -21.50 7.27
N GLY A 57 8.49 -21.42 8.58
CA GLY A 57 7.87 -20.42 9.45
C GLY A 57 8.61 -19.11 9.40
N GLU A 58 8.57 -18.33 10.46
CA GLU A 58 9.05 -16.95 10.37
C GLU A 58 10.56 -16.87 10.40
N ALA A 59 11.10 -16.91 11.61
CA ALA A 59 11.64 -18.15 12.09
C ALA A 59 12.59 -18.93 11.13
N ASP A 60 12.03 -19.91 10.45
CA ASP A 60 12.77 -20.71 9.52
C ASP A 60 13.36 -19.82 8.48
N TYR A 61 12.56 -18.87 8.02
CA TYR A 61 13.02 -17.96 6.97
C TYR A 61 14.21 -17.16 7.48
N ARG A 62 14.08 -16.58 8.66
CA ARG A 62 15.20 -15.82 9.19
C ARG A 62 16.48 -16.63 9.06
N MET A 63 16.46 -17.87 9.53
CA MET A 63 17.59 -18.77 9.39
C MET A 63 18.02 -18.97 7.93
N ALA A 64 17.06 -19.23 7.06
CA ALA A 64 17.40 -19.40 5.66
C ALA A 64 18.17 -18.17 5.20
N CYS A 65 17.84 -17.04 5.76
CA CYS A 65 18.53 -15.82 5.39
C CYS A 65 19.97 -15.88 5.90
N TYR A 66 20.11 -16.04 7.21
CA TYR A 66 21.43 -16.14 7.77
C TYR A 66 22.22 -17.20 7.01
N ALA A 67 21.60 -18.33 6.73
CA ALA A 67 22.30 -19.37 6.01
C ALA A 67 22.73 -18.87 4.63
N HIS A 68 21.86 -18.11 3.98
CA HIS A 68 22.09 -17.70 2.62
C HIS A 68 23.25 -16.71 2.57
N LEU A 69 23.18 -15.71 3.44
CA LEU A 69 24.22 -14.72 3.50
C LEU A 69 25.52 -15.42 3.85
N GLY A 70 25.46 -16.29 4.85
CA GLY A 70 26.59 -17.14 5.24
C GLY A 70 27.33 -17.73 4.06
N LYS A 71 26.64 -18.49 3.21
CA LYS A 71 27.31 -19.10 2.07
C LYS A 71 27.92 -18.06 1.14
N ALA A 72 27.13 -17.05 0.78
CA ALA A 72 27.62 -16.01 -0.11
C ALA A 72 28.97 -15.49 0.36
N LEU A 73 29.05 -15.14 1.64
CA LEU A 73 30.31 -14.70 2.21
C LEU A 73 31.39 -15.76 2.06
N MET A 74 31.10 -17.01 2.38
CA MET A 74 32.11 -18.03 2.22
C MET A 74 32.57 -18.16 0.77
N ASP A 75 31.65 -18.03 -0.18
CA ASP A 75 32.05 -18.14 -1.59
C ASP A 75 32.99 -17.00 -1.92
N TYR A 76 32.61 -15.81 -1.51
CA TYR A 76 33.44 -14.66 -1.79
C TYR A 76 34.84 -14.84 -1.23
N SER A 77 34.95 -15.44 -0.06
CA SER A 77 36.24 -15.57 0.56
C SER A 77 37.09 -16.44 -0.32
N VAL A 78 36.47 -17.45 -0.91
CA VAL A 78 37.23 -18.40 -1.73
C VAL A 78 37.66 -17.74 -3.02
N SER A 79 36.72 -17.16 -3.74
CA SER A 79 37.01 -16.58 -5.03
C SER A 79 36.61 -15.16 -4.94
N ARG A 80 37.57 -14.25 -4.92
CA ARG A 80 37.27 -12.90 -4.50
C ARG A 80 36.45 -12.11 -5.49
N ASN A 81 35.32 -12.64 -5.91
CA ASN A 81 34.49 -11.93 -6.89
C ASN A 81 33.39 -11.13 -6.27
N ASP A 82 33.47 -9.81 -6.43
CA ASP A 82 32.39 -8.94 -6.00
C ASP A 82 31.08 -9.48 -6.52
N LYS A 83 30.07 -9.56 -5.65
CA LYS A 83 28.82 -10.15 -6.06
C LYS A 83 27.67 -9.57 -5.23
N LEU A 84 26.53 -9.41 -5.88
CA LEU A 84 25.40 -8.78 -5.23
C LEU A 84 24.72 -9.77 -4.30
N TYR A 85 24.40 -9.36 -3.10
CA TYR A 85 23.61 -10.22 -2.22
C TYR A 85 22.19 -9.71 -2.09
N THR A 86 21.24 -10.64 -2.20
CA THR A 86 19.82 -10.38 -1.91
C THR A 86 19.30 -11.55 -1.13
N PRO A 87 18.31 -11.31 -0.25
CA PRO A 87 17.79 -12.44 0.52
C PRO A 87 17.15 -13.48 -0.41
N PRO A 88 16.99 -14.73 0.04
CA PRO A 88 16.40 -15.81 -0.75
C PRO A 88 14.94 -15.58 -1.17
N THR A 89 14.62 -16.04 -2.38
CA THR A 89 13.29 -15.91 -3.01
C THR A 89 12.22 -16.81 -2.41
N VAL A 90 11.00 -16.30 -2.37
CA VAL A 90 9.91 -16.95 -1.68
C VAL A 90 8.64 -16.94 -2.51
N SER A 91 7.71 -17.82 -2.18
CA SER A 91 6.38 -17.69 -2.72
C SER A 91 5.40 -17.67 -1.58
N VAL A 92 4.46 -16.74 -1.62
CA VAL A 92 3.45 -16.75 -0.62
C VAL A 92 2.12 -17.15 -1.20
N ASN A 93 1.51 -18.16 -0.60
CA ASN A 93 0.19 -18.56 -1.04
C ASN A 93 -0.81 -18.74 0.05
N SER A 94 -2.04 -18.36 -0.27
CA SER A 94 -3.18 -18.47 0.64
C SER A 94 -3.57 -19.91 1.02
N THR A 95 -4.64 -20.06 1.78
CA THR A 95 -5.01 -21.37 2.25
C THR A 95 -6.50 -21.41 2.58
N LEU A 96 -7.32 -20.90 1.67
CA LEU A 96 -8.69 -20.63 2.04
C LEU A 96 -8.69 -19.78 3.32
N GLY B 1 -10.51 19.07 -5.87
CA GLY B 1 -9.41 20.04 -5.64
C GLY B 1 -9.79 21.36 -6.28
N LEU B 2 -10.53 21.27 -7.37
CA LEU B 2 -10.83 22.44 -8.17
C LEU B 2 -12.10 23.20 -7.75
N PHE B 3 -12.84 22.69 -6.77
CA PHE B 3 -14.05 23.38 -6.33
C PHE B 3 -14.16 23.46 -4.82
N GLU B 4 -14.50 24.63 -4.25
CA GLU B 4 -15.08 24.64 -2.90
C GLU B 4 -16.54 24.37 -3.16
N GLY B 5 -17.04 23.28 -2.62
CA GLY B 5 -18.45 22.96 -2.76
C GLY B 5 -18.83 22.79 -4.21
N ASP B 6 -19.59 23.74 -4.71
CA ASP B 6 -20.22 23.58 -6.00
C ASP B 6 -19.66 24.55 -7.07
N LYS B 7 -18.84 25.50 -6.66
CA LYS B 7 -18.30 26.45 -7.59
C LYS B 7 -16.80 26.25 -7.86
N PHE B 8 -16.38 26.57 -9.08
CA PHE B 8 -14.99 26.42 -9.47
C PHE B 8 -14.09 27.39 -8.75
N VAL B 9 -12.92 26.93 -8.39
CA VAL B 9 -12.05 27.69 -7.51
C VAL B 9 -10.56 27.55 -7.85
N GLY B 10 -10.25 26.70 -8.82
CA GLY B 10 -8.86 26.41 -9.14
C GLY B 10 -8.06 27.61 -9.60
N SER B 11 -6.75 27.53 -9.44
CA SER B 11 -5.84 28.46 -10.07
C SER B 11 -5.71 28.05 -11.54
N PHE B 12 -5.02 28.86 -12.32
CA PHE B 12 -4.87 28.51 -13.70
C PHE B 12 -4.03 27.24 -13.76
N GLU B 13 -3.08 27.13 -12.85
CA GLU B 13 -2.12 26.02 -12.91
C GLU B 13 -2.76 24.68 -12.58
N SER B 14 -3.41 24.60 -11.43
CA SER B 14 -4.10 23.37 -11.08
C SER B 14 -5.06 23.06 -12.22
N ALA B 15 -5.93 24.03 -12.50
CA ALA B 15 -6.95 23.86 -13.53
C ALA B 15 -6.37 23.27 -14.79
N ALA B 16 -5.24 23.80 -15.23
CA ALA B 16 -4.70 23.40 -16.54
C ALA B 16 -4.53 21.90 -16.60
N MET B 17 -4.31 21.27 -15.43
CA MET B 17 -4.06 19.82 -15.32
C MET B 17 -5.31 19.02 -14.97
N GLY B 18 -6.40 19.70 -14.69
CA GLY B 18 -7.59 19.06 -14.15
C GLY B 18 -8.70 18.97 -15.17
N THR B 19 -9.87 18.58 -14.67
CA THR B 19 -11.05 18.49 -15.52
C THR B 19 -12.13 19.42 -14.98
N PHE B 20 -12.61 20.32 -15.82
CA PHE B 20 -13.68 21.21 -15.42
C PHE B 20 -14.28 21.86 -16.65
N VAL B 21 -15.51 22.33 -16.53
CA VAL B 21 -16.20 22.98 -17.62
C VAL B 21 -15.88 24.48 -17.65
N ILE B 22 -15.47 24.94 -18.80
CA ILE B 22 -15.29 26.36 -18.98
C ILE B 22 -16.64 26.94 -19.30
N ASP B 23 -17.15 27.76 -18.40
CA ASP B 23 -18.40 28.45 -18.62
C ASP B 23 -18.12 29.85 -18.13
N MET B 24 -19.15 30.69 -18.07
CA MET B 24 -18.91 32.08 -17.75
C MET B 24 -18.40 32.25 -16.34
N ARG B 25 -18.68 31.29 -15.47
CA ARG B 25 -18.32 31.51 -14.08
C ARG B 25 -16.88 31.11 -13.79
N SER B 26 -16.43 30.03 -14.42
CA SER B 26 -15.07 29.59 -14.23
C SER B 26 -14.19 30.53 -15.04
N TYR B 27 -14.66 30.92 -16.20
CA TYR B 27 -13.91 31.86 -17.00
C TYR B 27 -13.70 33.15 -16.25
N GLU B 28 -14.77 33.64 -15.66
CA GLU B 28 -14.72 34.84 -14.87
C GLU B 28 -13.67 34.67 -13.78
N THR B 29 -13.66 33.50 -13.16
CA THR B 29 -12.77 33.24 -12.03
C THR B 29 -11.31 33.28 -12.44
N LEU B 30 -11.01 32.60 -13.53
CA LEU B 30 -9.65 32.47 -13.99
C LEU B 30 -9.15 33.80 -14.52
N VAL B 31 -9.88 34.38 -15.45
CA VAL B 31 -9.46 35.65 -15.99
C VAL B 31 -9.14 36.65 -14.89
N ASN B 32 -9.88 36.58 -13.81
CA ASN B 32 -9.68 37.56 -12.76
C ASN B 32 -8.62 37.19 -11.76
N SER B 33 -7.90 36.11 -12.02
CA SER B 33 -6.85 35.71 -11.09
C SER B 33 -5.59 35.30 -11.83
N THR B 34 -5.40 35.74 -13.06
CA THR B 34 -4.30 35.20 -13.85
C THR B 34 -3.57 36.23 -14.71
N SER B 35 -4.20 37.32 -15.06
CA SER B 35 -5.37 37.40 -15.82
C SER B 35 -4.96 37.46 -17.26
N LEU B 36 -5.91 38.00 -18.01
CA LEU B 36 -6.07 37.93 -19.45
C LEU B 36 -4.74 38.00 -20.19
N ASP B 37 -3.77 38.69 -19.63
CA ASP B 37 -2.49 38.83 -20.32
C ASP B 37 -1.68 37.56 -20.28
N ARG B 38 -1.49 36.98 -19.09
CA ARG B 38 -0.79 35.70 -19.04
C ARG B 38 -1.49 34.66 -19.91
N ILE B 39 -2.81 34.59 -19.78
CA ILE B 39 -3.60 33.63 -20.53
C ILE B 39 -3.33 33.76 -22.02
N LYS B 40 -3.41 34.98 -22.53
CA LYS B 40 -3.12 35.22 -23.93
C LYS B 40 -1.76 34.65 -24.28
N SER B 41 -0.74 35.00 -23.50
CA SER B 41 0.60 34.50 -23.76
C SER B 41 0.58 32.98 -23.83
N TYR B 42 0.16 32.32 -22.74
CA TYR B 42 0.06 30.86 -22.74
C TYR B 42 -0.63 30.36 -24.01
N ALA B 43 -1.77 30.96 -24.33
CA ALA B 43 -2.48 30.61 -25.55
C ALA B 43 -1.51 30.62 -26.74
N ASN B 44 -0.66 31.62 -26.79
CA ASN B 44 0.24 31.80 -27.91
C ASN B 44 1.23 30.66 -28.19
N SER B 45 1.63 29.94 -27.15
CA SER B 45 2.52 28.81 -27.38
C SER B 45 1.76 27.57 -27.85
N PHE B 46 0.44 27.71 -28.07
CA PHE B 46 -0.39 26.53 -28.40
C PHE B 46 0.04 25.77 -29.65
N ASN B 47 0.04 26.46 -30.76
CA ASN B 47 0.32 25.80 -32.02
C ASN B 47 1.51 24.92 -31.83
N LYS B 48 2.57 25.51 -31.32
CA LYS B 48 3.78 24.77 -30.97
C LYS B 48 3.47 23.44 -30.26
N TYR B 49 2.72 23.49 -29.16
CA TYR B 49 2.46 22.30 -28.34
C TYR B 49 1.39 21.33 -28.91
N LYS B 50 1.14 21.41 -30.22
CA LYS B 50 0.30 20.42 -30.92
C LYS B 50 1.09 19.60 -31.96
N GLY B 54 7.82 13.98 -30.48
CA GLY B 54 8.73 13.18 -29.66
C GLY B 54 8.85 13.75 -28.25
N SER B 55 8.98 12.88 -27.25
CA SER B 55 8.79 13.36 -25.88
C SER B 55 9.74 14.38 -25.39
N MET B 56 9.19 15.55 -25.52
CA MET B 56 8.38 16.05 -24.47
C MET B 56 8.66 15.58 -23.03
N GLY B 57 9.40 16.42 -22.30
CA GLY B 57 9.81 16.14 -20.93
C GLY B 57 8.71 16.49 -19.95
N GLU B 58 9.08 16.84 -18.71
CA GLU B 58 8.06 16.89 -17.67
C GLU B 58 7.22 18.15 -17.73
N ALA B 59 7.78 19.21 -17.17
CA ALA B 59 8.44 20.18 -17.99
C ALA B 59 7.69 20.67 -19.25
N ASP B 60 8.01 20.05 -20.37
CA ASP B 60 7.39 20.37 -21.64
C ASP B 60 5.91 20.14 -21.52
N TYR B 61 5.53 19.03 -20.92
CA TYR B 61 4.12 18.71 -20.75
C TYR B 61 3.43 19.80 -19.95
N ARG B 62 4.00 20.16 -18.80
CA ARG B 62 3.38 21.18 -18.00
C ARG B 62 3.02 22.35 -18.92
N MET B 63 3.99 22.83 -19.70
CA MET B 63 3.74 23.93 -20.62
C MET B 63 2.63 23.59 -21.60
N ALA B 64 2.65 22.40 -22.16
CA ALA B 64 1.60 22.04 -23.09
C ALA B 64 0.25 22.17 -22.41
N CYS B 65 0.22 21.82 -21.11
CA CYS B 65 -1.03 21.93 -20.37
C CYS B 65 -1.43 23.40 -20.32
N TYR B 66 -0.54 24.21 -19.76
CA TYR B 66 -0.81 25.61 -19.69
C TYR B 66 -1.24 26.12 -21.05
N ALA B 67 -0.55 25.69 -22.09
CA ALA B 67 -0.87 26.15 -23.42
C ALA B 67 -2.25 25.67 -23.83
N HIS B 68 -2.56 24.42 -23.51
CA HIS B 68 -3.89 23.86 -23.81
C HIS B 68 -4.99 24.67 -23.13
N LEU B 69 -4.95 24.71 -21.81
CA LEU B 69 -5.93 25.50 -21.08
C LEU B 69 -6.03 26.89 -21.67
N GLY B 70 -4.87 27.52 -21.86
CA GLY B 70 -4.81 28.83 -22.48
C GLY B 70 -5.72 28.96 -23.69
N LYS B 71 -5.50 28.16 -24.72
CA LYS B 71 -6.31 28.26 -25.92
C LYS B 71 -7.79 28.09 -25.63
N ALA B 72 -8.14 27.04 -24.89
CA ALA B 72 -9.53 26.79 -24.56
C ALA B 72 -10.17 28.06 -24.02
N LEU B 73 -9.54 28.69 -23.05
CA LEU B 73 -10.07 29.92 -22.50
C LEU B 73 -10.24 30.98 -23.59
N MET B 74 -9.23 31.17 -24.42
CA MET B 74 -9.35 32.14 -25.51
C MET B 74 -10.49 31.81 -26.47
N ASP B 75 -10.69 30.53 -26.78
CA ASP B 75 -11.82 30.18 -27.65
C ASP B 75 -13.12 30.56 -26.96
N TYR B 76 -13.25 30.19 -25.70
CA TYR B 76 -14.47 30.51 -24.99
C TYR B 76 -14.74 32.01 -25.01
N SER B 77 -13.70 32.82 -24.85
CA SER B 77 -13.92 34.25 -24.81
C SER B 77 -14.52 34.70 -26.13
N VAL B 78 -14.05 34.10 -27.22
CA VAL B 78 -14.55 34.50 -28.52
C VAL B 78 -15.99 34.07 -28.70
N SER B 79 -16.25 32.79 -28.52
CA SER B 79 -17.58 32.26 -28.75
C SER B 79 -18.03 31.68 -27.45
N ARG B 80 -19.00 32.29 -26.81
CA ARG B 80 -19.28 31.98 -25.43
C ARG B 80 -19.92 30.61 -25.22
N ASN B 81 -19.32 29.56 -25.77
CA ASN B 81 -19.86 28.22 -25.56
C ASN B 81 -19.25 27.46 -24.42
N ASP B 82 -20.07 27.19 -23.41
CA ASP B 82 -19.65 26.30 -22.34
C ASP B 82 -19.02 25.06 -22.95
N LYS B 83 -17.88 24.66 -22.40
CA LYS B 83 -17.14 23.53 -22.94
C LYS B 83 -16.28 22.87 -21.88
N LEU B 84 -16.22 21.55 -21.92
CA LEU B 84 -15.49 20.82 -20.92
C LEU B 84 -14.01 20.90 -21.20
N TYR B 85 -13.21 21.18 -20.17
CA TYR B 85 -11.77 21.13 -20.31
C TYR B 85 -11.16 19.88 -19.68
N THR B 86 -10.21 19.26 -20.38
CA THR B 86 -9.42 18.16 -19.85
C THR B 86 -8.02 18.41 -20.32
N PRO B 87 -7.01 17.92 -19.58
CA PRO B 87 -5.65 18.13 -20.03
C PRO B 87 -5.43 17.36 -21.31
N PRO B 88 -4.38 17.72 -22.07
CA PRO B 88 -4.09 17.09 -23.37
C PRO B 88 -3.68 15.65 -23.25
N THR B 89 -4.06 14.93 -24.30
CA THR B 89 -3.87 13.51 -24.44
C THR B 89 -2.43 13.15 -24.77
N VAL B 90 -1.97 12.05 -24.16
CA VAL B 90 -0.62 11.60 -24.25
C VAL B 90 -0.54 10.11 -24.58
N SER B 91 0.63 9.67 -25.02
CA SER B 91 0.89 8.25 -25.08
C SER B 91 2.17 8.04 -24.33
N VAL B 92 2.21 7.00 -23.52
CA VAL B 92 3.44 6.66 -22.86
C VAL B 92 3.96 5.34 -23.41
N ASN B 93 5.22 5.32 -23.79
CA ASN B 93 5.80 4.07 -24.24
C ASN B 93 7.16 3.80 -23.69
N SER B 94 7.38 2.53 -23.34
CA SER B 94 8.65 2.06 -22.84
C SER B 94 9.80 2.23 -23.85
N THR B 95 10.99 1.76 -23.48
CA THR B 95 12.19 1.96 -24.29
C THR B 95 13.22 0.86 -24.01
N LEU B 96 12.78 -0.40 -23.97
CA LEU B 96 13.63 -1.48 -23.45
C LEU B 96 13.91 -1.18 -21.98
N GLY C 1 -0.36 -19.21 23.29
CA GLY C 1 -1.50 -20.04 22.78
C GLY C 1 -2.63 -19.17 22.25
N LEU C 2 -3.41 -19.71 21.31
CA LEU C 2 -4.51 -18.94 20.74
C LEU C 2 -5.77 -19.03 21.60
N PHE C 3 -5.85 -20.08 22.40
CA PHE C 3 -7.00 -20.31 23.28
C PHE C 3 -6.61 -20.39 24.72
N GLU C 4 -7.52 -19.93 25.56
CA GLU C 4 -7.47 -20.17 26.97
C GLU C 4 -8.76 -20.89 27.28
N GLY C 5 -8.63 -22.15 27.64
CA GLY C 5 -9.78 -23.04 27.71
C GLY C 5 -10.39 -23.25 26.35
N ASP C 6 -11.63 -22.80 26.22
CA ASP C 6 -12.42 -23.18 25.08
C ASP C 6 -12.71 -21.97 24.17
N LYS C 7 -12.43 -20.77 24.67
CA LYS C 7 -12.68 -19.57 23.87
C LYS C 7 -11.41 -18.94 23.30
N PHE C 8 -11.53 -18.36 22.12
CA PHE C 8 -10.41 -17.73 21.45
C PHE C 8 -9.91 -16.52 22.22
N VAL C 9 -8.61 -16.35 22.26
CA VAL C 9 -8.05 -15.30 23.09
C VAL C 9 -6.85 -14.61 22.47
N GLY C 10 -6.47 -15.03 21.27
CA GLY C 10 -5.28 -14.49 20.64
C GLY C 10 -5.30 -13.01 20.34
N SER C 11 -4.12 -12.41 20.25
CA SER C 11 -3.98 -11.08 19.69
C SER C 11 -4.09 -11.23 18.19
N PHE C 12 -4.15 -10.11 17.48
CA PHE C 12 -4.20 -10.15 16.04
C PHE C 12 -2.90 -10.74 15.53
N GLU C 13 -1.81 -10.46 16.21
CA GLU C 13 -0.48 -10.87 15.73
C GLU C 13 -0.26 -12.35 15.88
N SER C 14 -0.47 -12.89 17.07
CA SER C 14 -0.36 -14.33 17.25
C SER C 14 -1.31 -14.99 16.27
N ALA C 15 -2.58 -14.61 16.36
CA ALA C 15 -3.61 -15.17 15.51
C ALA C 15 -3.15 -15.26 14.09
N ALA C 16 -2.65 -14.13 13.59
CA ALA C 16 -2.29 -14.06 12.19
C ALA C 16 -1.41 -15.22 11.73
N MET C 17 -0.65 -15.80 12.65
CA MET C 17 0.29 -16.89 12.36
C MET C 17 -0.24 -18.25 12.78
N GLY C 18 -1.37 -18.29 13.46
CA GLY C 18 -1.89 -19.56 13.97
C GLY C 18 -3.07 -20.11 13.17
N THR C 19 -3.72 -21.13 13.74
CA THR C 19 -4.90 -21.72 13.15
C THR C 19 -6.12 -21.57 14.06
N PHE C 20 -7.17 -20.91 13.59
CA PHE C 20 -8.38 -20.80 14.39
C PHE C 20 -9.52 -20.45 13.47
N VAL C 21 -10.75 -20.70 13.93
CA VAL C 21 -11.94 -20.44 13.15
C VAL C 21 -12.39 -19.01 13.37
N ILE C 22 -12.61 -18.29 12.27
CA ILE C 22 -13.20 -16.99 12.37
C ILE C 22 -14.69 -17.18 12.46
N ASP C 23 -15.25 -16.85 13.62
CA ASP C 23 -16.69 -16.89 13.80
C ASP C 23 -17.05 -15.62 14.51
N MET C 24 -18.30 -15.47 14.91
CA MET C 24 -18.71 -14.21 15.50
C MET C 24 -17.99 -13.95 16.82
N ARG C 25 -17.54 -14.99 17.49
CA ARG C 25 -16.95 -14.72 18.79
C ARG C 25 -15.49 -14.33 18.70
N SER C 26 -14.76 -14.95 17.78
CA SER C 26 -13.35 -14.62 17.58
C SER C 26 -13.28 -13.27 16.90
N TYR C 27 -14.13 -13.08 15.91
CA TYR C 27 -14.23 -11.81 15.24
C TYR C 27 -14.49 -10.70 16.23
N GLU C 28 -15.46 -10.90 17.10
CA GLU C 28 -15.78 -9.93 18.14
C GLU C 28 -14.54 -9.60 18.97
N THR C 29 -13.83 -10.63 19.36
CA THR C 29 -12.64 -10.48 20.17
C THR C 29 -11.57 -9.63 19.49
N LEU C 30 -11.28 -9.97 18.23
CA LEU C 30 -10.20 -9.31 17.51
C LEU C 30 -10.54 -7.85 17.23
N VAL C 31 -11.66 -7.64 16.57
CA VAL C 31 -12.10 -6.30 16.27
C VAL C 31 -12.01 -5.43 17.49
N ASN C 32 -12.33 -5.97 18.65
CA ASN C 32 -12.38 -5.14 19.84
C ASN C 32 -11.04 -5.02 20.53
N SER C 33 -10.00 -5.52 19.89
CA SER C 33 -8.69 -5.40 20.50
C SER C 33 -7.65 -5.04 19.47
N THR C 34 -8.02 -4.40 18.39
CA THR C 34 -7.06 -4.20 17.32
C THR C 34 -7.19 -2.85 16.61
N SER C 35 -8.35 -2.21 16.64
CA SER C 35 -9.60 -2.64 16.15
C SER C 35 -9.66 -2.35 14.70
N LEU C 36 -10.93 -2.32 14.27
CA LEU C 36 -11.38 -2.29 12.90
C LEU C 36 -10.52 -1.47 11.95
N ASP C 37 -9.90 -0.41 12.46
CA ASP C 37 -9.09 0.45 11.60
C ASP C 37 -7.79 -0.21 11.21
N ARG C 38 -7.01 -0.67 12.18
CA ARG C 38 -5.80 -1.40 11.82
C ARG C 38 -6.14 -2.54 10.90
N ILE C 39 -7.19 -3.29 11.23
CA ILE C 39 -7.54 -4.46 10.47
C ILE C 39 -7.78 -4.09 9.02
N LYS C 40 -8.56 -3.04 8.81
CA LYS C 40 -8.82 -2.56 7.47
C LYS C 40 -7.51 -2.29 6.73
N SER C 41 -6.62 -1.54 7.38
CA SER C 41 -5.33 -1.24 6.79
C SER C 41 -4.65 -2.54 6.40
N TYR C 42 -4.36 -3.40 7.38
CA TYR C 42 -3.74 -4.68 7.06
C TYR C 42 -4.41 -5.30 5.84
N ALA C 43 -5.74 -5.36 5.86
CA ALA C 43 -6.49 -5.95 4.75
C ALA C 43 -6.04 -5.33 3.43
N ASN C 44 -5.94 -4.01 3.41
CA ASN C 44 -5.50 -3.29 2.22
C ASN C 44 -4.28 -3.91 1.56
N SER C 45 -3.21 -4.17 2.32
CA SER C 45 -1.99 -4.65 1.70
C SER C 45 -2.13 -6.07 1.12
N PHE C 46 -3.34 -6.60 1.12
CA PHE C 46 -3.55 -7.99 0.67
C PHE C 46 -3.06 -8.27 -0.79
N ASN C 47 -3.32 -7.39 -1.72
CA ASN C 47 -2.87 -7.70 -3.07
C ASN C 47 -1.36 -7.72 -3.14
N LYS C 48 -0.78 -6.75 -2.46
CA LYS C 48 0.65 -6.64 -2.24
C LYS C 48 1.22 -7.97 -1.77
N TYR C 49 0.39 -8.85 -1.23
CA TYR C 49 0.89 -10.11 -0.62
C TYR C 49 0.15 -11.38 -1.01
N LYS C 50 -1.02 -11.24 -1.63
CA LYS C 50 -1.81 -12.35 -2.17
C LYS C 50 -0.92 -13.32 -2.94
N TYR C 51 0.01 -12.80 -3.73
CA TYR C 51 0.95 -13.67 -4.43
C TYR C 51 2.39 -13.21 -4.24
N TYR C 52 2.61 -12.46 -3.16
CA TYR C 52 3.91 -11.87 -2.92
C TYR C 52 4.91 -12.86 -3.45
N THR C 53 5.72 -12.39 -4.39
CA THR C 53 6.80 -13.19 -4.91
C THR C 53 8.09 -12.37 -4.91
N GLY C 54 9.18 -12.98 -4.47
CA GLY C 54 10.44 -12.28 -4.34
C GLY C 54 11.03 -12.46 -2.94
N SER C 55 12.02 -11.64 -2.61
CA SER C 55 12.66 -11.75 -1.31
C SER C 55 11.95 -10.91 -0.28
N MET C 56 11.75 -11.47 0.91
CA MET C 56 11.27 -10.65 2.02
C MET C 56 12.39 -10.17 2.81
N GLY C 57 12.31 -8.89 3.05
CA GLY C 57 13.12 -8.25 4.02
C GLY C 57 12.61 -7.92 5.37
N GLU C 58 13.10 -8.52 6.34
CA GLU C 58 12.61 -8.61 7.69
C GLU C 58 11.19 -9.12 7.97
N ALA C 59 10.53 -8.30 8.79
CA ALA C 59 9.51 -7.44 8.24
C ALA C 59 8.35 -8.07 7.40
N ASP C 60 8.66 -8.58 6.22
CA ASP C 60 7.65 -8.91 5.24
C ASP C 60 6.90 -10.18 5.57
N TYR C 61 7.60 -11.14 6.13
CA TYR C 61 6.94 -12.37 6.48
C TYR C 61 5.69 -12.05 7.29
N ARG C 62 5.93 -11.43 8.43
CA ARG C 62 4.91 -10.87 9.29
C ARG C 62 3.76 -10.18 8.56
N MET C 63 4.10 -9.18 7.76
CA MET C 63 3.12 -8.44 6.97
C MET C 63 2.35 -9.37 6.07
N ALA C 64 3.00 -10.35 5.49
CA ALA C 64 2.21 -11.22 4.65
C ALA C 64 1.06 -11.77 5.50
N CYS C 65 1.41 -12.43 6.60
CA CYS C 65 0.43 -13.00 7.50
C CYS C 65 -0.60 -12.00 7.96
N TYR C 66 -0.14 -10.90 8.53
CA TYR C 66 -1.07 -9.87 8.94
C TYR C 66 -2.00 -9.52 7.79
N ALA C 67 -1.47 -9.39 6.59
CA ALA C 67 -2.33 -9.09 5.46
C ALA C 67 -3.39 -10.18 5.20
N HIS C 68 -3.01 -11.45 5.29
CA HIS C 68 -4.02 -12.45 5.00
C HIS C 68 -5.07 -12.51 6.12
N LEU C 69 -4.64 -12.51 7.37
CA LEU C 69 -5.61 -12.55 8.44
C LEU C 69 -6.53 -11.36 8.21
N GLY C 70 -5.94 -10.20 7.95
CA GLY C 70 -6.71 -8.99 7.68
C GLY C 70 -7.86 -9.23 6.72
N LYS C 71 -7.53 -9.69 5.52
CA LYS C 71 -8.59 -9.91 4.55
C LYS C 71 -9.64 -10.89 5.08
N ALA C 72 -9.21 -12.01 5.64
CA ALA C 72 -10.15 -13.01 6.11
C ALA C 72 -11.17 -12.35 7.03
N LEU C 73 -10.70 -11.56 7.99
CA LEU C 73 -11.60 -10.88 8.88
C LEU C 73 -12.53 -9.95 8.13
N MET C 74 -12.00 -9.16 7.21
CA MET C 74 -12.87 -8.33 6.40
C MET C 74 -13.90 -9.13 5.60
N ASP C 75 -13.55 -10.27 5.03
CA ASP C 75 -14.55 -11.07 4.33
C ASP C 75 -15.63 -11.52 5.31
N TYR C 76 -15.20 -11.98 6.48
CA TYR C 76 -16.17 -12.45 7.42
C TYR C 76 -17.15 -11.33 7.76
N SER C 77 -16.65 -10.11 7.86
CA SER C 77 -17.50 -9.05 8.32
C SER C 77 -18.59 -8.87 7.30
N VAL C 78 -18.21 -9.00 6.02
CA VAL C 78 -19.17 -8.82 4.95
C VAL C 78 -20.21 -9.92 4.94
N SER C 79 -19.74 -11.17 4.87
CA SER C 79 -20.64 -12.30 4.76
C SER C 79 -20.38 -13.19 5.94
N ARG C 80 -21.30 -13.20 6.89
CA ARG C 80 -20.99 -13.73 8.20
C ARG C 80 -20.78 -15.23 8.21
N ASN C 81 -19.91 -15.74 7.34
CA ASN C 81 -19.67 -17.17 7.32
C ASN C 81 -18.48 -17.62 8.14
N ASP C 82 -18.77 -18.39 9.18
CA ASP C 82 -17.71 -19.01 9.94
C ASP C 82 -16.72 -19.65 8.96
N LYS C 83 -15.45 -19.44 9.19
CA LYS C 83 -14.43 -19.96 8.27
C LYS C 83 -13.11 -20.16 8.99
N LEU C 84 -12.41 -21.21 8.59
CA LEU C 84 -11.18 -21.58 9.26
C LEU C 84 -10.06 -20.68 8.80
N TYR C 85 -9.29 -20.11 9.72
CA TYR C 85 -8.10 -19.37 9.34
C TYR C 85 -6.80 -20.16 9.52
N THR C 86 -5.92 -20.13 8.54
CA THR C 86 -4.57 -20.69 8.65
C THR C 86 -3.62 -19.74 7.96
N PRO C 87 -2.37 -19.68 8.42
CA PRO C 87 -1.49 -18.70 7.80
C PRO C 87 -1.20 -19.13 6.38
N PRO C 88 -0.79 -18.18 5.51
CA PRO C 88 -0.50 -18.46 4.11
C PRO C 88 0.72 -19.37 3.96
N THR C 89 0.91 -20.01 2.82
CA THR C 89 2.11 -20.81 2.67
C THR C 89 3.29 -19.91 2.31
N VAL C 90 4.40 -20.03 3.03
CA VAL C 90 5.58 -19.26 2.63
C VAL C 90 6.67 -20.21 2.23
N SER C 91 6.83 -20.42 0.93
CA SER C 91 7.70 -21.49 0.46
C SER C 91 8.83 -20.99 -0.42
N VAL C 92 9.87 -21.80 -0.57
CA VAL C 92 11.01 -21.39 -1.38
C VAL C 92 11.04 -22.09 -2.73
N LEU D 2 22.95 13.02 -10.96
CA LEU D 2 22.93 11.52 -11.17
C LEU D 2 24.23 10.85 -10.74
N PHE D 3 25.33 11.36 -11.26
CA PHE D 3 26.63 10.84 -10.88
C PHE D 3 27.47 11.90 -10.18
N GLU D 4 28.20 11.46 -9.18
CA GLU D 4 29.25 12.27 -8.64
C GLU D 4 30.48 11.49 -9.01
N GLY D 5 31.29 12.12 -9.82
CA GLY D 5 32.42 11.47 -10.40
C GLY D 5 31.95 10.33 -11.25
N ASP D 6 32.25 9.13 -10.80
CA ASP D 6 32.16 7.99 -11.68
C ASP D 6 31.08 7.01 -11.20
N LYS D 7 30.58 7.21 -9.99
CA LYS D 7 29.58 6.31 -9.44
C LYS D 7 28.17 6.89 -9.41
N PHE D 8 27.17 6.04 -9.56
CA PHE D 8 25.78 6.50 -9.57
C PHE D 8 25.38 7.01 -8.21
N VAL D 9 24.60 8.07 -8.18
CA VAL D 9 24.28 8.73 -6.91
C VAL D 9 22.83 9.25 -6.85
N GLY D 10 22.10 9.12 -7.95
CA GLY D 10 20.73 9.61 -8.02
C GLY D 10 19.72 9.05 -7.02
N SER D 11 18.71 9.85 -6.73
CA SER D 11 17.57 9.37 -5.98
C SER D 11 16.74 8.57 -6.94
N PHE D 12 15.73 7.89 -6.42
CA PHE D 12 14.87 7.15 -7.28
C PHE D 12 14.15 8.11 -8.22
N GLU D 13 13.83 9.30 -7.71
CA GLU D 13 13.03 10.24 -8.48
C GLU D 13 13.81 10.84 -9.62
N SER D 14 14.98 11.40 -9.34
CA SER D 14 15.79 11.95 -10.41
C SER D 14 16.03 10.83 -11.40
N ALA D 15 16.58 9.74 -10.90
CA ALA D 15 16.91 8.59 -11.72
C ALA D 15 15.78 8.24 -12.66
N ALA D 16 14.58 8.17 -12.12
CA ALA D 16 13.42 7.75 -12.90
C ALA D 16 13.32 8.52 -14.22
N MET D 17 13.79 9.75 -14.19
CA MET D 17 13.70 10.66 -15.36
C MET D 17 14.98 10.71 -16.20
N GLY D 18 16.07 10.14 -15.68
CA GLY D 18 17.34 10.25 -16.35
C GLY D 18 17.76 9.01 -17.10
N THR D 19 19.01 9.03 -17.55
CA THR D 19 19.60 7.88 -18.22
C THR D 19 20.76 7.29 -17.42
N PHE D 20 20.66 6.04 -17.04
CA PHE D 20 21.76 5.39 -16.38
C PHE D 20 21.63 3.88 -16.52
N VAL D 21 22.72 3.16 -16.31
CA VAL D 21 22.73 1.71 -16.38
C VAL D 21 22.34 1.10 -15.05
N ILE D 22 21.41 0.16 -15.09
CA ILE D 22 21.09 -0.57 -13.88
C ILE D 22 22.05 -1.73 -13.85
N ASP D 23 22.92 -1.69 -12.85
CA ASP D 23 23.85 -2.76 -12.61
C ASP D 23 23.83 -2.95 -11.09
N MET D 24 24.66 -3.84 -10.57
CA MET D 24 24.58 -4.17 -9.15
C MET D 24 24.86 -2.96 -8.29
N ARG D 25 25.58 -2.02 -8.81
CA ARG D 25 26.01 -0.95 -7.95
C ARG D 25 24.97 0.15 -7.81
N SER D 26 24.28 0.45 -8.90
CA SER D 26 23.25 1.45 -8.89
C SER D 26 22.04 0.80 -8.22
N TYR D 27 21.83 -0.47 -8.50
CA TYR D 27 20.73 -1.17 -7.90
C TYR D 27 20.90 -1.14 -6.40
N GLU D 28 22.07 -1.48 -5.96
CA GLU D 28 22.38 -1.48 -4.56
C GLU D 28 22.07 -0.11 -3.97
N THR D 29 22.46 0.94 -4.67
CA THR D 29 22.25 2.30 -4.21
C THR D 29 20.78 2.67 -4.04
N LEU D 30 19.99 2.34 -5.06
CA LEU D 30 18.60 2.72 -5.08
C LEU D 30 17.84 1.94 -4.02
N VAL D 31 17.90 0.63 -4.12
CA VAL D 31 17.25 -0.20 -3.12
C VAL D 31 17.54 0.28 -1.71
N ASN D 32 18.74 0.79 -1.46
CA ASN D 32 19.06 1.08 -0.09
C ASN D 32 18.68 2.49 0.27
N SER D 33 18.02 3.19 -0.64
CA SER D 33 17.64 4.55 -0.33
C SER D 33 16.20 4.80 -0.71
N THR D 34 15.38 3.78 -0.85
CA THR D 34 14.06 4.02 -1.41
C THR D 34 12.95 3.23 -0.72
N SER D 35 13.22 2.09 -0.13
CA SER D 35 13.93 0.98 -0.60
C SER D 35 12.89 0.09 -1.24
N LEU D 36 13.24 -1.17 -1.32
CA LEU D 36 12.54 -2.24 -1.95
C LEU D 36 11.01 -2.21 -1.91
N ASP D 37 10.42 -1.76 -0.80
CA ASP D 37 8.97 -1.69 -0.71
C ASP D 37 8.37 -0.63 -1.61
N ARG D 38 8.85 0.59 -1.51
CA ARG D 38 8.36 1.60 -2.42
C ARG D 38 8.54 1.14 -3.86
N ILE D 39 9.73 0.65 -4.17
CA ILE D 39 10.05 0.23 -5.53
C ILE D 39 9.05 -0.77 -6.02
N LYS D 40 8.76 -1.78 -5.19
CA LYS D 40 7.79 -2.80 -5.55
C LYS D 40 6.49 -2.13 -5.91
N SER D 41 6.00 -1.26 -5.01
CA SER D 41 4.76 -0.57 -5.27
C SER D 41 4.82 0.12 -6.63
N TYR D 42 5.75 1.07 -6.80
CA TYR D 42 5.89 1.72 -8.09
C TYR D 42 5.78 0.72 -9.21
N ALA D 43 6.54 -0.37 -9.11
CA ALA D 43 6.56 -1.42 -10.12
C ALA D 43 5.15 -1.87 -10.42
N ASN D 44 4.41 -2.04 -9.35
CA ASN D 44 3.02 -2.42 -9.41
C ASN D 44 2.24 -1.67 -10.50
N SER D 45 2.24 -0.34 -10.41
CA SER D 45 1.46 0.48 -11.35
C SER D 45 1.95 0.43 -12.79
N PHE D 46 2.94 -0.41 -13.08
CA PHE D 46 3.49 -0.49 -14.45
C PHE D 46 2.42 -0.80 -15.51
N ASN D 47 1.59 -1.78 -15.24
CA ASN D 47 0.62 -2.14 -16.22
C ASN D 47 -0.32 -0.99 -16.46
N LYS D 48 -0.54 -0.18 -15.43
CA LYS D 48 -1.38 1.01 -15.57
C LYS D 48 -0.77 1.95 -16.57
N TYR D 49 0.56 1.95 -16.67
CA TYR D 49 1.29 2.98 -17.42
C TYR D 49 2.12 2.48 -18.62
N LYS D 50 2.25 1.15 -18.72
CA LYS D 50 2.89 0.51 -19.87
C LYS D 50 2.46 1.11 -21.21
N TYR D 51 1.18 1.38 -21.36
CA TYR D 51 0.68 2.04 -22.56
C TYR D 51 -0.28 3.17 -22.19
N TYR D 52 -0.12 3.69 -20.98
CA TYR D 52 -0.99 4.76 -20.54
C TYR D 52 -1.35 5.56 -21.77
N THR D 53 -2.64 5.71 -21.97
CA THR D 53 -3.12 6.54 -23.04
C THR D 53 -4.25 7.41 -22.51
N GLY D 54 -4.23 8.68 -22.84
CA GLY D 54 -5.23 9.62 -22.35
C GLY D 54 -4.55 10.83 -21.80
N SER D 55 -5.29 11.63 -21.03
CA SER D 55 -4.73 12.85 -20.45
C SER D 55 -4.11 12.59 -19.09
N MET D 56 -2.92 13.14 -18.87
CA MET D 56 -2.34 13.10 -17.56
C MET D 56 -2.65 14.29 -16.83
N GLY D 57 -3.16 14.01 -15.64
CA GLY D 57 -3.25 15.00 -14.63
C GLY D 57 -1.81 15.10 -14.26
N GLU D 58 -1.66 15.92 -13.21
CA GLU D 58 -0.42 16.57 -12.82
C GLU D 58 0.87 15.72 -12.81
N ALA D 59 1.27 15.33 -11.61
CA ALA D 59 1.05 13.95 -11.16
C ALA D 59 1.44 12.77 -12.06
N ASP D 60 0.75 12.62 -13.17
CA ASP D 60 0.77 11.36 -13.87
C ASP D 60 2.06 11.18 -14.61
N TYR D 61 2.55 12.27 -15.15
CA TYR D 61 3.79 12.20 -15.86
C TYR D 61 4.80 11.48 -14.99
N ARG D 62 4.99 12.03 -13.80
CA ARG D 62 5.89 11.54 -12.79
C ARG D 62 5.68 10.05 -12.48
N MET D 63 4.44 9.69 -12.18
CA MET D 63 4.10 8.30 -11.91
C MET D 63 4.43 7.39 -13.08
N ALA D 64 4.21 7.84 -14.31
CA ALA D 64 4.59 7.01 -15.43
C ALA D 64 6.07 6.64 -15.26
N CYS D 65 6.93 7.63 -15.18
CA CYS D 65 8.37 7.39 -15.04
C CYS D 65 8.70 6.51 -13.85
N TYR D 66 8.23 6.91 -12.68
CA TYR D 66 8.43 6.10 -11.48
C TYR D 66 8.04 4.65 -11.72
N ALA D 67 6.91 4.44 -12.40
CA ALA D 67 6.47 3.09 -12.68
C ALA D 67 7.45 2.36 -13.57
N HIS D 68 7.96 3.03 -14.59
CA HIS D 68 8.87 2.37 -15.50
C HIS D 68 10.21 2.00 -14.87
N LEU D 69 10.78 2.94 -14.11
CA LEU D 69 12.02 2.67 -13.45
C LEU D 69 11.74 1.53 -12.49
N GLY D 70 10.61 1.61 -11.81
CA GLY D 70 10.23 0.58 -10.86
C GLY D 70 10.36 -0.79 -11.48
N LYS D 71 9.66 -1.03 -12.58
CA LYS D 71 9.74 -2.33 -13.21
C LYS D 71 11.16 -2.73 -13.58
N ALA D 72 11.87 -1.83 -14.25
CA ALA D 72 13.23 -2.11 -14.62
C ALA D 72 13.98 -2.66 -13.42
N LEU D 73 13.97 -1.95 -12.30
CA LEU D 73 14.64 -2.42 -11.13
C LEU D 73 14.19 -3.81 -10.72
N MET D 74 12.89 -4.04 -10.64
CA MET D 74 12.39 -5.36 -10.32
C MET D 74 12.84 -6.43 -11.32
N ASP D 75 12.93 -6.11 -12.60
CA ASP D 75 13.45 -7.10 -13.54
C ASP D 75 14.89 -7.42 -13.22
N TYR D 76 15.66 -6.38 -12.94
CA TYR D 76 17.06 -6.61 -12.67
C TYR D 76 17.22 -7.49 -11.45
N SER D 77 16.33 -7.34 -10.49
CA SER D 77 16.53 -8.07 -9.26
C SER D 77 16.34 -9.51 -9.58
N VAL D 78 15.43 -9.78 -10.49
CA VAL D 78 15.15 -11.16 -10.85
C VAL D 78 16.28 -11.77 -11.62
N SER D 79 16.67 -11.13 -12.70
CA SER D 79 17.73 -11.68 -13.55
C SER D 79 18.81 -10.63 -13.58
N ARG D 80 19.94 -10.93 -12.97
CA ARG D 80 20.90 -9.88 -12.69
C ARG D 80 21.60 -9.34 -13.92
N ASN D 81 20.84 -8.97 -14.94
CA ASN D 81 21.44 -8.41 -16.15
C ASN D 81 21.55 -6.90 -16.17
N ASP D 82 22.78 -6.41 -16.13
CA ASP D 82 23.02 -5.02 -16.36
C ASP D 82 22.22 -4.55 -17.57
N LYS D 83 21.59 -3.39 -17.45
CA LYS D 83 20.73 -2.92 -18.52
C LYS D 83 20.56 -1.42 -18.41
N LEU D 84 20.48 -0.79 -19.57
CA LEU D 84 20.42 0.66 -19.60
C LEU D 84 19.03 1.12 -19.29
N TYR D 85 18.88 2.09 -18.41
CA TYR D 85 17.58 2.70 -18.18
C TYR D 85 17.45 4.06 -18.85
N THR D 86 16.32 4.30 -19.50
CA THR D 86 15.96 5.62 -20.05
C THR D 86 14.48 5.82 -19.77
N PRO D 87 14.06 7.08 -19.62
CA PRO D 87 12.64 7.29 -19.30
C PRO D 87 11.79 6.87 -20.50
N PRO D 88 10.50 6.60 -20.26
CA PRO D 88 9.59 6.20 -21.32
C PRO D 88 9.29 7.36 -22.27
N THR D 89 8.77 7.10 -23.45
CA THR D 89 8.40 8.19 -24.33
C THR D 89 7.04 8.76 -23.98
N VAL D 90 6.96 10.07 -23.77
CA VAL D 90 5.66 10.69 -23.55
C VAL D 90 5.37 11.63 -24.69
N SER D 91 4.54 11.19 -25.61
CA SER D 91 4.30 11.93 -26.83
C SER D 91 2.84 12.35 -26.99
N VAL D 92 2.60 13.31 -27.87
CA VAL D 92 1.23 13.76 -28.12
C VAL D 92 0.72 13.29 -29.47
N GLY E 1 -13.48 0.76 25.82
CA GLY E 1 -14.09 -0.08 24.73
C GLY E 1 -15.44 -0.64 25.16
N LEU E 2 -15.93 -1.64 24.44
CA LEU E 2 -17.20 -2.24 24.82
C LEU E 2 -17.02 -3.25 25.95
N PHE E 3 -15.83 -3.79 26.11
CA PHE E 3 -15.67 -4.88 27.04
C PHE E 3 -14.76 -4.59 28.24
N GLU E 4 -15.27 -4.84 29.45
CA GLU E 4 -14.41 -4.87 30.64
C GLU E 4 -13.89 -6.28 30.77
N GLY E 5 -12.62 -6.44 30.44
CA GLY E 5 -12.06 -7.78 30.43
C GLY E 5 -12.84 -8.56 29.40
N ASP E 6 -13.67 -9.46 29.89
CA ASP E 6 -14.27 -10.45 29.02
C ASP E 6 -15.79 -10.25 28.82
N LYS E 7 -16.40 -9.37 29.62
CA LYS E 7 -17.83 -9.17 29.49
C LYS E 7 -18.18 -7.82 28.85
N PHE E 8 -19.29 -7.79 28.13
CA PHE E 8 -19.75 -6.59 27.46
C PHE E 8 -20.17 -5.53 28.46
N VAL E 9 -19.84 -4.28 28.17
CA VAL E 9 -20.05 -3.20 29.12
C VAL E 9 -20.51 -1.89 28.48
N GLY E 10 -20.66 -1.89 27.16
CA GLY E 10 -21.00 -0.67 26.47
C GLY E 10 -22.31 -0.04 26.82
N SER E 11 -22.42 1.27 26.60
CA SER E 11 -23.71 1.94 26.63
C SER E 11 -24.39 1.63 25.31
N PHE E 12 -25.66 2.04 25.20
CA PHE E 12 -26.35 1.79 23.97
C PHE E 12 -25.67 2.59 22.86
N GLU E 13 -25.23 3.79 23.21
CA GLU E 13 -24.67 4.68 22.21
C GLU E 13 -23.35 4.17 21.66
N SER E 14 -22.40 3.88 22.56
CA SER E 14 -21.12 3.37 22.10
C SER E 14 -21.41 2.12 21.29
N ALA E 15 -22.08 1.18 21.92
CA ALA E 15 -22.40 -0.09 21.30
C ALA E 15 -22.89 0.10 19.89
N ALA E 16 -23.85 1.00 19.72
CA ALA E 16 -24.52 1.18 18.44
C ALA E 16 -23.51 1.38 17.30
N MET E 17 -22.35 1.94 17.65
CA MET E 17 -21.29 2.24 16.68
C MET E 17 -20.21 1.17 16.59
N GLY E 18 -20.23 0.22 17.52
CA GLY E 18 -19.15 -0.74 17.62
C GLY E 18 -19.54 -2.12 17.12
N THR E 19 -18.65 -3.07 17.38
CA THR E 19 -18.90 -4.44 17.01
C THR E 19 -18.97 -5.33 18.25
N PHE E 20 -20.09 -6.03 18.43
CA PHE E 20 -20.19 -6.96 19.54
C PHE E 20 -21.32 -7.94 19.28
N VAL E 21 -21.31 -9.07 19.97
CA VAL E 21 -22.32 -10.09 19.73
C VAL E 21 -23.50 -9.86 20.64
N ILE E 22 -24.68 -9.79 20.07
CA ILE E 22 -25.88 -9.72 20.89
C ILE E 22 -26.22 -11.11 21.36
N ASP E 23 -26.06 -11.32 22.66
CA ASP E 23 -26.42 -12.59 23.26
C ASP E 23 -27.21 -12.25 24.51
N MET E 24 -27.54 -13.23 25.32
CA MET E 24 -28.40 -12.95 26.46
C MET E 24 -27.70 -12.04 27.45
N ARG E 25 -26.38 -12.02 27.45
CA ARG E 25 -25.69 -11.26 28.47
C ARG E 25 -25.50 -9.80 28.12
N SER E 26 -25.28 -9.54 26.84
CA SER E 26 -25.15 -8.18 26.39
C SER E 26 -26.55 -7.59 26.30
N TYR E 27 -27.49 -8.40 25.83
CA TYR E 27 -28.87 -7.99 25.78
C TYR E 27 -29.38 -7.57 27.16
N GLU E 28 -29.12 -8.41 28.14
CA GLU E 28 -29.48 -8.15 29.52
C GLU E 28 -28.88 -6.82 29.94
N THR E 29 -27.63 -6.58 29.56
CA THR E 29 -26.91 -5.38 29.99
C THR E 29 -27.52 -4.12 29.45
N LEU E 30 -27.86 -4.15 28.16
CA LEU E 30 -28.33 -2.99 27.47
C LEU E 30 -29.74 -2.69 27.91
N VAL E 31 -30.60 -3.68 27.82
CA VAL E 31 -31.97 -3.50 28.25
C VAL E 31 -32.05 -2.88 29.63
N ASN E 32 -31.11 -3.23 30.48
CA ASN E 32 -31.20 -2.78 31.84
C ASN E 32 -30.56 -1.44 32.06
N SER E 33 -30.08 -0.85 30.98
CA SER E 33 -29.42 0.43 31.11
C SER E 33 -29.88 1.45 30.10
N THR E 34 -31.05 1.26 29.51
CA THR E 34 -31.43 2.10 28.37
C THR E 34 -32.90 2.51 28.36
N SER E 35 -33.80 1.80 29.00
CA SER E 35 -34.17 0.46 28.84
C SER E 35 -35.09 0.32 27.67
N LEU E 36 -35.78 -0.81 27.72
CA LEU E 36 -36.62 -1.39 26.71
C LEU E 36 -37.47 -0.36 25.97
N ASP E 37 -37.84 0.71 26.65
CA ASP E 37 -38.67 1.74 26.02
C ASP E 37 -37.89 2.54 24.98
N ARG E 38 -36.76 3.12 25.38
CA ARG E 38 -35.95 3.84 24.40
C ARG E 38 -35.61 2.94 23.22
N ILE E 39 -35.20 1.72 23.54
CA ILE E 39 -34.80 0.75 22.52
C ILE E 39 -35.91 0.55 21.50
N LYS E 40 -37.10 0.29 22.01
CA LYS E 40 -38.25 0.13 21.14
C LYS E 40 -38.38 1.33 20.22
N SER E 41 -38.36 2.53 20.80
CA SER E 41 -38.46 3.76 20.00
C SER E 41 -37.38 3.74 18.92
N TYR E 42 -36.11 3.71 19.31
CA TYR E 42 -35.04 3.64 18.31
C TYR E 42 -35.38 2.63 17.23
N ALA E 43 -35.82 1.45 17.65
CA ALA E 43 -36.18 0.40 16.70
C ALA E 43 -37.18 0.90 15.67
N ASN E 44 -38.20 1.65 16.11
CA ASN E 44 -39.18 2.27 15.23
C ASN E 44 -38.56 2.87 13.99
N SER E 45 -37.67 3.83 14.22
CA SER E 45 -37.15 4.63 13.14
C SER E 45 -36.36 3.78 12.14
N PHE E 46 -36.31 2.46 12.36
CA PHE E 46 -35.52 1.59 11.47
C PHE E 46 -35.87 1.75 9.98
N ASN E 47 -37.14 1.79 9.65
CA ASN E 47 -37.52 1.91 8.26
C ASN E 47 -37.11 3.25 7.68
N LYS E 48 -37.11 4.28 8.53
CA LYS E 48 -36.64 5.60 8.12
C LYS E 48 -35.17 5.54 7.68
N TYR E 49 -34.46 4.53 8.18
CA TYR E 49 -33.00 4.46 8.01
C TYR E 49 -32.49 3.19 7.29
N LYS E 50 -33.43 2.40 6.77
CA LYS E 50 -33.12 1.06 6.25
C LYS E 50 -32.31 1.08 4.96
N GLY E 57 -25.73 13.40 7.19
CA GLY E 57 -24.75 14.16 7.95
C GLY E 57 -24.05 13.31 9.00
N GLU E 58 -23.56 13.94 10.06
CA GLU E 58 -22.72 13.20 11.00
C GLU E 58 -23.53 12.36 11.97
N ALA E 59 -24.02 13.03 13.01
CA ALA E 59 -25.39 13.45 12.97
C ALA E 59 -26.47 12.41 12.54
N ASP E 60 -26.88 12.49 11.28
CA ASP E 60 -27.83 11.57 10.69
C ASP E 60 -27.33 10.15 10.87
N TYR E 61 -26.06 9.94 10.56
CA TYR E 61 -25.45 8.62 10.71
C TYR E 61 -25.58 8.12 12.16
N ARG E 62 -25.11 8.90 13.12
CA ARG E 62 -25.24 8.47 14.50
C ARG E 62 -26.64 7.90 14.71
N MET E 63 -27.67 8.65 14.34
CA MET E 63 -29.07 8.18 14.46
C MET E 63 -29.28 6.85 13.73
N ALA E 64 -28.83 6.78 12.49
CA ALA E 64 -29.00 5.56 11.73
C ALA E 64 -28.45 4.40 12.53
N CYS E 65 -27.34 4.62 13.21
CA CYS E 65 -26.77 3.58 14.03
C CYS E 65 -27.72 3.16 15.13
N TYR E 66 -28.17 4.14 15.91
CA TYR E 66 -29.07 3.85 16.99
C TYR E 66 -30.23 3.03 16.47
N ALA E 67 -30.78 3.42 15.34
CA ALA E 67 -31.91 2.69 14.77
C ALA E 67 -31.49 1.26 14.47
N HIS E 68 -30.29 1.13 13.95
CA HIS E 68 -29.80 -0.15 13.51
C HIS E 68 -29.66 -1.11 14.70
N LEU E 69 -28.96 -0.66 15.73
CA LEU E 69 -28.77 -1.43 16.93
C LEU E 69 -30.14 -1.75 17.53
N GLY E 70 -30.96 -0.72 17.66
CA GLY E 70 -32.35 -0.90 18.10
C GLY E 70 -32.99 -2.14 17.52
N LYS E 71 -33.11 -2.20 16.19
CA LYS E 71 -33.79 -3.34 15.58
C LYS E 71 -33.16 -4.65 15.95
N ALA E 72 -31.84 -4.73 15.79
CA ALA E 72 -31.11 -5.95 16.16
C ALA E 72 -31.54 -6.45 17.54
N LEU E 73 -31.48 -5.56 18.53
CA LEU E 73 -31.93 -5.92 19.86
C LEU E 73 -33.37 -6.41 19.88
N MET E 74 -34.27 -5.69 19.22
CA MET E 74 -35.66 -6.17 19.16
C MET E 74 -35.80 -7.54 18.48
N ASP E 75 -35.02 -7.80 17.44
CA ASP E 75 -35.06 -9.13 16.84
C ASP E 75 -34.60 -10.16 17.86
N TYR E 76 -33.52 -9.85 18.55
CA TYR E 76 -33.00 -10.85 19.46
C TYR E 76 -34.04 -11.17 20.52
N SER E 77 -34.76 -10.15 20.96
CA SER E 77 -35.67 -10.37 22.05
C SER E 77 -36.73 -11.34 21.55
N VAL E 78 -37.10 -11.23 20.29
CA VAL E 78 -38.13 -12.12 19.75
C VAL E 78 -37.64 -13.55 19.61
N SER E 79 -36.49 -13.73 18.95
CA SER E 79 -35.99 -15.06 18.67
C SER E 79 -34.61 -15.07 19.23
N ARG E 80 -34.44 -15.79 20.32
CA ARG E 80 -33.26 -15.60 21.13
C ARG E 80 -31.99 -16.10 20.47
N ASN E 81 -31.74 -15.68 19.23
CA ASN E 81 -30.51 -16.10 18.56
C ASN E 81 -29.35 -15.15 18.73
N ASP E 82 -28.30 -15.63 19.38
CA ASP E 82 -27.05 -14.90 19.44
C ASP E 82 -26.69 -14.45 18.05
N LYS E 83 -26.30 -13.18 17.90
CA LYS E 83 -25.99 -12.66 16.57
C LYS E 83 -25.05 -11.47 16.67
N LEU E 84 -24.17 -11.37 15.68
CA LEU E 84 -23.13 -10.37 15.72
C LEU E 84 -23.69 -9.02 15.32
N TYR E 85 -23.39 -7.98 16.08
CA TYR E 85 -23.78 -6.64 15.66
C TYR E 85 -22.61 -5.83 15.14
N THR E 86 -22.83 -5.15 14.02
CA THR E 86 -21.85 -4.20 13.46
C THR E 86 -22.64 -3.01 12.96
N PRO E 87 -22.04 -1.83 12.99
CA PRO E 87 -22.79 -0.67 12.55
C PRO E 87 -23.11 -0.80 11.06
N PRO E 88 -24.11 -0.05 10.58
CA PRO E 88 -24.54 -0.12 9.18
C PRO E 88 -23.51 0.40 8.17
N THR E 89 -23.66 -0.08 6.93
CA THR E 89 -22.73 0.14 5.81
C THR E 89 -22.90 1.49 5.10
N VAL E 90 -21.77 2.08 4.70
CA VAL E 90 -21.76 3.40 4.09
C VAL E 90 -20.99 3.43 2.77
S SO4 F . -16.46 -15.47 2.91
O1 SO4 F . -15.24 -16.22 2.59
O2 SO4 F . -17.57 -16.13 2.22
O3 SO4 F . -16.70 -15.49 4.35
O4 SO4 F . -16.35 -14.08 2.47
S SO4 G . 15.58 -8.55 -17.95
O1 SO4 G . 16.61 -9.40 -18.54
O2 SO4 G . 14.36 -8.63 -18.75
O3 SO4 G . 15.30 -8.94 -16.58
O4 SO4 G . 16.07 -7.16 -18.01
#